data_2WE3
#
_entry.id   2WE3
#
_cell.length_a   103.238
_cell.length_b   103.238
_cell.length_c   47.697
_cell.angle_alpha   90.00
_cell.angle_beta   90.00
_cell.angle_gamma   90.00
#
_symmetry.space_group_name_H-M   'I 4'
#
loop_
_entity.id
_entity.type
_entity.pdbx_description
1 polymer "DEOXYURIDINE 5'-TRIPHOSPHATE NUCLEOTIDOHYDROLASE"
2 non-polymer "DEOXYURIDINE-5'-TRIPHOSPHATE"
3 non-polymer 'MAGNESIUM ION'
4 non-polymer 'SULFATE ION'
5 water water
#
_entity_poly.entity_id   1
_entity_poly.type   'polypeptide(L)'
_entity_poly.pdbx_seq_one_letter_code
;GAMGSGIPMEACPHIRYAFQNDKLLLQQASVGRLTLVNKTTILLRPMKTTTVDLGLYARPPEGHGLMLWGSTSRPVTSHV
GIIDPGYTGELRLILQNQRRYNSTLRPSELKIHLAAFRYATPQMEEDKGPINHPQYPGDVGLDVSLPKDLALFPHQTVSV
TLTVPPPSIPHHRPTIFGRSGLAMQGILVKPCRWRRGGVDVSLTNFSDQTVFLNKYRRFCQLVYLHKHHLTSFYSPHSDA
GVLGPRSLFRWASCTFEEVPSLAM
;
_entity_poly.pdbx_strand_id   A
#
# COMPACT_ATOMS: atom_id res chain seq x y z
N MET A 9 -23.10 1.84 7.35
CA MET A 9 -23.95 2.75 6.52
C MET A 9 -23.22 3.22 5.28
N GLU A 10 -23.99 3.49 4.23
CA GLU A 10 -23.43 3.96 2.97
C GLU A 10 -23.16 5.48 3.01
N ALA A 11 -21.93 5.85 3.33
CA ALA A 11 -21.60 7.24 3.57
C ALA A 11 -20.28 7.66 2.93
N CYS A 12 -20.12 7.30 1.65
CA CYS A 12 -18.94 7.68 0.91
C CYS A 12 -19.29 8.69 -0.19
N PRO A 13 -18.80 9.95 -0.03
CA PRO A 13 -18.77 10.92 -1.15
C PRO A 13 -17.97 10.30 -2.28
N HIS A 14 -18.26 10.70 -3.52
CA HIS A 14 -17.54 10.20 -4.67
C HIS A 14 -16.03 10.28 -4.45
N ILE A 15 -15.29 9.42 -5.13
CA ILE A 15 -13.86 9.56 -5.24
C ILE A 15 -13.59 10.27 -6.56
N ARG A 16 -13.15 11.51 -6.49
CA ARG A 16 -12.80 12.30 -7.67
C ARG A 16 -11.44 11.92 -8.17
N TYR A 17 -11.32 11.77 -9.49
CA TYR A 17 -10.07 11.33 -10.10
C TYR A 17 -9.94 11.84 -11.53
N ALA A 18 -8.72 11.94 -12.03
CA ALA A 18 -8.44 12.28 -13.42
C ALA A 18 -7.41 11.32 -13.88
N PHE A 19 -7.47 10.91 -15.15
CA PHE A 19 -6.56 9.89 -15.59
C PHE A 19 -6.15 10.06 -17.02
N GLN A 20 -4.87 9.90 -17.27
CA GLN A 20 -4.35 10.03 -18.61
C GLN A 20 -3.06 9.25 -18.72
N ASN A 21 -3.05 8.16 -19.47
CA ASN A 21 -1.83 7.39 -19.63
C ASN A 21 -2.03 6.32 -20.66
N ASP A 22 -1.33 6.45 -21.79
CA ASP A 22 -1.64 5.61 -22.93
C ASP A 22 -0.85 4.29 -22.87
N LYS A 23 -0.06 4.13 -21.81
CA LYS A 23 0.56 2.83 -21.60
C LYS A 23 -0.25 1.95 -20.65
N LEU A 24 -1.30 2.50 -20.06
CA LEU A 24 -2.20 1.76 -19.14
C LEU A 24 -3.68 1.82 -19.56
N LEU A 25 -4.38 0.68 -19.53
CA LEU A 25 -5.82 0.66 -19.82
C LEU A 25 -6.62 0.82 -18.54
N LEU A 26 -7.47 1.85 -18.48
CA LEU A 26 -8.39 1.95 -17.39
C LEU A 26 -9.50 0.92 -17.61
N GLN A 27 -9.60 -0.05 -16.69
CA GLN A 27 -10.67 -1.05 -16.78
C GLN A 27 -11.95 -0.60 -16.12
N GLN A 28 -11.84 0.40 -15.26
CA GLN A 28 -12.80 0.60 -14.17
C GLN A 28 -13.67 1.83 -14.21
N GLY A 32 -16.55 0.46 -6.57
CA GLY A 32 -15.71 0.92 -5.46
C GLY A 32 -14.19 0.79 -5.65
N ARG A 33 -13.77 0.18 -6.74
CA ARG A 33 -12.33 -0.01 -6.97
C ARG A 33 -11.94 0.34 -8.40
N LEU A 34 -10.92 1.18 -8.53
CA LEU A 34 -10.39 1.48 -9.84
C LEU A 34 -9.20 0.55 -10.15
N THR A 35 -9.16 0.06 -11.39
CA THR A 35 -8.10 -0.84 -11.83
C THR A 35 -7.55 -0.43 -13.18
N LEU A 36 -6.23 -0.45 -13.27
CA LEU A 36 -5.53 -0.20 -14.51
C LEU A 36 -4.77 -1.44 -14.88
N VAL A 37 -4.63 -1.66 -16.19
CA VAL A 37 -3.86 -2.78 -16.68
C VAL A 37 -2.70 -2.25 -17.53
N ASN A 38 -1.55 -2.93 -17.52
CA ASN A 38 -0.44 -2.47 -18.38
C ASN A 38 -0.63 -2.88 -19.85
N LYS A 39 -0.32 -1.97 -20.78
CA LYS A 39 -0.42 -2.27 -22.23
C LYS A 39 0.88 -2.76 -22.86
N THR A 40 2.02 -2.39 -22.26
CA THR A 40 3.36 -2.71 -22.81
C THR A 40 4.16 -3.56 -21.83
N THR A 41 5.20 -4.25 -22.27
CA THR A 41 5.91 -5.00 -21.24
C THR A 41 6.71 -4.08 -20.29
N ILE A 42 6.76 -4.43 -19.01
CA ILE A 42 7.45 -3.62 -18.01
C ILE A 42 8.60 -4.47 -17.62
N LEU A 43 9.81 -3.96 -17.80
CA LEU A 43 10.97 -4.68 -17.36
C LEU A 43 11.39 -4.14 -15.99
N LEU A 44 11.63 -5.05 -15.05
CA LEU A 44 12.08 -4.70 -13.73
C LEU A 44 13.53 -5.12 -13.64
N ARG A 45 14.42 -4.17 -13.37
CA ARG A 45 15.81 -4.49 -13.03
C ARG A 45 15.84 -5.28 -11.72
N PRO A 46 16.82 -6.15 -11.54
CA PRO A 46 16.96 -6.78 -10.23
C PRO A 46 17.67 -5.78 -9.32
N MET A 47 17.43 -5.91 -8.01
CA MET A 47 18.12 -5.13 -6.95
C MET A 47 17.81 -3.66 -6.98
N LYS A 48 16.86 -3.24 -7.80
CA LYS A 48 16.55 -1.82 -7.95
C LYS A 48 15.05 -1.65 -7.81
N THR A 49 14.67 -0.43 -7.45
CA THR A 49 13.25 -0.08 -7.40
C THR A 49 12.71 0.22 -8.79
N THR A 50 11.58 -0.39 -9.14
CA THR A 50 10.89 -0.04 -10.36
C THR A 50 9.62 0.70 -10.00
N THR A 51 9.36 1.76 -10.72
CA THR A 51 8.30 2.70 -10.39
C THR A 51 7.38 2.78 -11.64
N VAL A 52 6.06 2.83 -11.47
CA VAL A 52 5.12 3.03 -12.62
C VAL A 52 4.36 4.35 -12.46
N ASP A 53 4.61 5.29 -13.35
CA ASP A 53 3.95 6.58 -13.26
C ASP A 53 2.54 6.39 -13.79
N LEU A 54 1.52 6.72 -13.00
CA LEU A 54 0.15 6.29 -13.31
C LEU A 54 -0.67 7.26 -14.19
N GLY A 55 -0.28 8.53 -14.23
CA GLY A 55 -1.11 9.56 -14.87
C GLY A 55 -2.43 9.72 -14.14
N LEU A 56 -2.44 9.31 -12.88
CA LEU A 56 -3.64 9.19 -12.10
C LEU A 56 -3.61 10.13 -10.91
N TYR A 57 -4.63 10.98 -10.80
CA TYR A 57 -4.83 11.88 -9.66
C TYR A 57 -6.13 11.43 -9.01
N ALA A 58 -6.22 11.51 -7.68
CA ALA A 58 -7.44 11.05 -6.98
C ALA A 58 -7.60 11.60 -5.58
N ARG A 59 -8.77 12.16 -5.28
CA ARG A 59 -8.98 12.77 -3.96
C ARG A 59 -9.62 11.78 -3.02
N PRO A 60 -8.90 11.33 -1.97
CA PRO A 60 -9.61 10.53 -0.96
C PRO A 60 -10.76 11.35 -0.36
N PRO A 61 -12.00 10.81 -0.38
CA PRO A 61 -13.15 11.55 0.12
C PRO A 61 -13.17 11.61 1.65
N GLU A 62 -13.99 12.49 2.19
CA GLU A 62 -13.94 12.80 3.62
C GLU A 62 -14.10 11.56 4.46
N GLY A 63 -13.22 11.39 5.45
CA GLY A 63 -13.31 10.27 6.36
C GLY A 63 -12.52 9.07 5.90
N HIS A 64 -12.03 9.12 4.67
CA HIS A 64 -11.39 7.96 4.03
C HIS A 64 -9.97 8.21 3.57
N GLY A 65 -9.19 7.14 3.39
CA GLY A 65 -7.93 7.24 2.67
C GLY A 65 -8.06 6.38 1.43
N LEU A 66 -7.00 6.30 0.62
CA LEU A 66 -7.03 5.38 -0.51
C LEU A 66 -5.90 4.40 -0.39
N MET A 67 -6.14 3.20 -0.88
CA MET A 67 -5.10 2.16 -0.87
C MET A 67 -4.76 1.84 -2.31
N LEU A 68 -3.47 1.90 -2.62
CA LEU A 68 -3.01 1.61 -3.98
C LEU A 68 -2.15 0.37 -3.92
N TRP A 69 -2.37 -0.56 -4.83
CA TRP A 69 -1.50 -1.74 -4.90
C TRP A 69 -1.49 -2.39 -6.28
N GLY A 70 -0.36 -3.02 -6.62
CA GLY A 70 -0.21 -3.78 -7.84
C GLY A 70 -0.51 -5.24 -7.54
N SER A 71 -1.11 -5.93 -8.50
CA SER A 71 -1.43 -7.34 -8.36
C SER A 71 -0.90 -8.08 -9.60
N THR A 72 -0.11 -9.12 -9.38
CA THR A 72 0.52 -9.88 -10.46
C THR A 72 0.76 -11.31 -9.98
N SER A 73 0.89 -12.25 -10.90
CA SER A 73 1.33 -13.56 -10.48
C SER A 73 2.77 -13.78 -10.90
N ARG A 74 3.41 -12.73 -11.40
CA ARG A 74 4.84 -12.78 -11.71
C ARG A 74 5.63 -12.56 -10.44
N PRO A 75 6.95 -12.80 -10.48
CA PRO A 75 7.85 -12.73 -9.30
C PRO A 75 8.22 -11.29 -8.93
N VAL A 76 7.19 -10.53 -8.64
CA VAL A 76 7.28 -9.09 -8.43
C VAL A 76 6.45 -8.79 -7.17
N THR A 77 6.95 -7.91 -6.32
CA THR A 77 6.20 -7.49 -5.11
C THR A 77 5.91 -5.99 -5.19
N SER A 78 4.66 -5.64 -5.00
CA SER A 78 4.23 -4.25 -4.99
C SER A 78 4.33 -3.68 -3.58
N HIS A 79 4.74 -2.43 -3.47
CA HIS A 79 4.53 -1.68 -2.23
C HIS A 79 3.00 -1.48 -2.12
N VAL A 80 2.43 -1.66 -0.93
CA VAL A 80 1.04 -1.32 -0.74
C VAL A 80 0.98 0.12 -0.25
N GLY A 81 0.44 1.04 -1.07
CA GLY A 81 0.51 2.48 -0.81
C GLY A 81 -0.71 2.97 -0.04
N ILE A 82 -0.48 3.79 1.00
CA ILE A 82 -1.55 4.53 1.69
C ILE A 82 -1.58 5.94 1.06
N ILE A 83 -2.70 6.31 0.43
CA ILE A 83 -2.86 7.67 -0.14
C ILE A 83 -3.59 8.58 0.85
N ASP A 84 -2.91 9.64 1.29
CA ASP A 84 -3.43 10.60 2.24
C ASP A 84 -4.38 11.64 1.61
N PRO A 85 -5.38 12.11 2.39
CA PRO A 85 -6.36 13.10 1.89
C PRO A 85 -5.64 14.35 1.37
N GLY A 86 -4.52 14.71 1.98
CA GLY A 86 -3.76 15.89 1.57
C GLY A 86 -2.97 15.77 0.26
N TYR A 87 -2.90 14.57 -0.29
CA TYR A 87 -2.05 14.33 -1.47
C TYR A 87 -2.73 14.81 -2.74
N THR A 88 -2.10 15.67 -3.52
CA THR A 88 -2.80 16.29 -4.64
C THR A 88 -2.03 16.05 -5.92
N GLY A 89 -0.98 15.24 -5.82
CA GLY A 89 -0.13 14.91 -6.97
C GLY A 89 -0.58 13.71 -7.77
N GLU A 90 0.28 13.31 -8.70
CA GLU A 90 0.04 12.12 -9.48
C GLU A 90 0.45 10.89 -8.64
N LEU A 91 -0.40 9.87 -8.64
CA LEU A 91 -0.06 8.61 -8.00
C LEU A 91 1.03 7.83 -8.73
N ARG A 92 1.94 7.26 -7.95
CA ARG A 92 2.99 6.40 -8.49
C ARG A 92 2.99 5.05 -7.77
N LEU A 93 3.16 3.98 -8.55
CA LEU A 93 3.20 2.61 -8.01
C LEU A 93 4.65 2.19 -7.87
N ILE A 94 4.95 1.52 -6.77
CA ILE A 94 6.31 1.10 -6.46
C ILE A 94 6.37 -0.44 -6.48
N LEU A 95 7.27 -1.00 -7.29
CA LEU A 95 7.44 -2.43 -7.42
C LEU A 95 8.86 -2.85 -7.14
N GLN A 96 9.02 -4.08 -6.68
CA GLN A 96 10.34 -4.68 -6.50
C GLN A 96 10.41 -6.02 -7.15
N ASN A 97 11.62 -6.41 -7.48
CA ASN A 97 11.84 -7.64 -8.22
C ASN A 97 12.28 -8.70 -7.22
N GLN A 98 11.64 -9.87 -7.24
CA GLN A 98 12.02 -10.96 -6.33
C GLN A 98 13.29 -11.70 -6.79
N ARG A 99 13.64 -11.54 -8.06
CA ARG A 99 14.72 -12.33 -8.70
C ARG A 99 16.00 -11.55 -8.83
N ARG A 100 17.09 -12.29 -9.01
CA ARG A 100 18.42 -11.72 -9.20
C ARG A 100 18.73 -11.22 -10.63
N TYR A 101 17.85 -11.50 -11.59
CA TYR A 101 17.97 -11.03 -12.99
C TYR A 101 16.73 -10.23 -13.35
N ASN A 102 16.68 -9.61 -14.54
CA ASN A 102 15.50 -8.86 -14.97
C ASN A 102 14.22 -9.68 -14.93
N SER A 103 13.14 -9.07 -14.43
CA SER A 103 11.81 -9.67 -14.55
C SER A 103 10.95 -8.80 -15.43
N THR A 104 10.22 -9.45 -16.31
CA THR A 104 9.38 -8.76 -17.25
C THR A 104 7.91 -8.92 -16.87
N LEU A 105 7.12 -7.86 -16.99
CA LEU A 105 5.67 -7.95 -16.92
C LEU A 105 5.07 -7.69 -18.30
N ARG A 106 4.66 -8.76 -18.97
CA ARG A 106 4.03 -8.72 -20.31
C ARG A 106 2.69 -8.02 -20.22
N PRO A 107 2.17 -7.50 -21.35
CA PRO A 107 0.92 -6.72 -21.23
C PRO A 107 -0.18 -7.53 -20.53
N SER A 108 -1.04 -6.86 -19.75
CA SER A 108 -2.05 -7.53 -18.94
C SER A 108 -1.55 -8.24 -17.70
N GLU A 109 -0.25 -8.43 -17.53
CA GLU A 109 0.21 -9.17 -16.35
C GLU A 109 0.15 -8.39 -15.03
N LEU A 110 0.04 -7.07 -15.13
CA LEU A 110 0.02 -6.23 -13.96
C LEU A 110 -1.32 -5.49 -13.90
N LYS A 111 -2.07 -5.70 -12.81
CA LYS A 111 -3.25 -4.88 -12.50
C LYS A 111 -2.92 -3.90 -11.39
N ILE A 112 -3.43 -2.68 -11.48
CA ILE A 112 -3.13 -1.65 -10.51
C ILE A 112 -4.45 -1.22 -9.94
N HIS A 113 -4.62 -1.42 -8.63
CA HIS A 113 -5.89 -1.13 -7.94
C HIS A 113 -5.78 0.07 -7.01
N LEU A 114 -6.86 0.85 -7.00
CA LEU A 114 -7.07 1.94 -6.07
C LEU A 114 -8.48 1.80 -5.48
N ALA A 115 -8.59 1.82 -4.16
CA ALA A 115 -9.88 1.71 -3.53
C ALA A 115 -9.86 2.41 -2.16
N ALA A 116 -11.02 2.79 -1.63
CA ALA A 116 -11.11 3.54 -0.36
C ALA A 116 -11.30 2.70 0.88
N PHE A 117 -11.03 3.33 2.03
CA PHE A 117 -11.24 2.71 3.32
C PHE A 117 -11.42 3.83 4.28
N ARG A 118 -12.25 3.59 5.28
CA ARG A 118 -12.42 4.51 6.38
C ARG A 118 -11.35 4.24 7.39
N TYR A 119 -10.85 5.30 8.01
CA TYR A 119 -9.80 5.19 9.02
C TYR A 119 -10.11 6.18 10.16
N ALA A 120 -9.47 5.98 11.32
CA ALA A 120 -9.59 6.92 12.43
C ALA A 120 -8.19 7.40 12.81
N THR A 121 -8.14 8.58 13.41
CA THR A 121 -6.91 9.11 14.00
C THR A 121 -7.04 9.14 15.50
N PRO A 122 -6.08 8.55 16.23
CA PRO A 122 -6.15 8.63 17.70
C PRO A 122 -5.74 10.02 18.21
N GLN A 123 -6.13 10.35 19.43
CA GLN A 123 -5.59 11.51 20.11
C GLN A 123 -4.32 11.08 20.84
N PRO A 137 -6.97 17.23 3.74
CA PRO A 137 -5.76 17.37 4.57
C PRO A 137 -5.69 16.38 5.75
N GLY A 138 -4.46 16.06 6.15
CA GLY A 138 -4.18 15.31 7.38
C GLY A 138 -3.98 13.82 7.18
N ASP A 139 -2.72 13.41 7.02
CA ASP A 139 -2.32 12.00 6.81
C ASP A 139 -3.11 10.91 7.54
N VAL A 140 -3.13 9.73 6.93
CA VAL A 140 -3.84 8.61 7.49
C VAL A 140 -3.05 7.94 8.60
N GLY A 141 -1.74 7.76 8.38
CA GLY A 141 -0.94 6.93 9.29
C GLY A 141 -0.16 7.73 10.31
N LEU A 142 0.31 7.08 11.37
CA LEU A 142 1.27 7.67 12.30
C LEU A 142 2.59 6.89 12.15
N ASP A 143 3.67 7.59 11.83
CA ASP A 143 4.91 6.87 11.53
C ASP A 143 5.48 6.31 12.82
N VAL A 144 6.04 5.12 12.74
CA VAL A 144 6.41 4.34 13.90
C VAL A 144 7.94 4.31 13.98
N SER A 145 8.47 4.58 15.17
CA SER A 145 9.92 4.68 15.40
C SER A 145 10.49 3.32 15.73
N LEU A 146 11.61 2.96 15.08
CA LEU A 146 12.26 1.69 15.30
C LEU A 146 12.87 1.73 16.70
N PRO A 147 12.51 0.76 17.55
CA PRO A 147 13.04 0.67 18.90
C PRO A 147 14.45 0.10 18.97
N LYS A 148 15.02 -0.33 17.85
CA LYS A 148 16.38 -0.90 17.86
C LYS A 148 17.08 -0.60 16.53
N ASP A 149 18.41 -0.69 16.45
CA ASP A 149 19.11 -0.62 15.16
C ASP A 149 18.77 -1.88 14.36
N LEU A 150 18.72 -1.78 13.03
CA LEU A 150 18.39 -2.91 12.18
C LEU A 150 19.29 -2.86 10.94
N ALA A 151 20.03 -3.95 10.67
CA ALA A 151 20.80 -4.11 9.43
C ALA A 151 20.12 -5.13 8.58
N LEU A 152 20.05 -4.85 7.28
CA LEU A 152 19.47 -5.81 6.34
C LEU A 152 20.37 -5.96 5.13
N PHE A 153 20.91 -7.16 4.94
CA PHE A 153 21.72 -7.49 3.74
C PHE A 153 20.86 -7.73 2.47
N PRO A 154 21.47 -7.62 1.27
CA PRO A 154 20.66 -7.79 0.06
C PRO A 154 19.77 -9.02 0.08
N HIS A 155 18.50 -8.81 -0.25
CA HIS A 155 17.47 -9.85 -0.32
C HIS A 155 17.05 -10.53 0.98
N GLN A 156 17.47 -9.98 2.11
CA GLN A 156 17.08 -10.54 3.39
C GLN A 156 15.69 -10.06 3.83
N THR A 157 14.91 -10.99 4.40
CA THR A 157 13.69 -10.64 5.16
C THR A 157 13.95 -10.78 6.66
N VAL A 158 13.66 -9.72 7.41
CA VAL A 158 13.77 -9.75 8.87
C VAL A 158 12.54 -9.10 9.52
N SER A 159 12.32 -9.35 10.81
CA SER A 159 11.18 -8.74 11.52
C SER A 159 11.55 -7.97 12.78
N VAL A 160 10.73 -7.00 13.14
CA VAL A 160 10.94 -6.12 14.26
C VAL A 160 9.69 -6.25 15.10
N THR A 161 9.87 -6.69 16.34
CA THR A 161 8.76 -6.89 17.27
C THR A 161 8.39 -5.61 17.96
N LEU A 162 7.10 -5.28 17.89
CA LEU A 162 6.62 -4.11 18.56
C LEU A 162 5.69 -4.60 19.66
N THR A 163 5.93 -4.09 20.86
CA THR A 163 5.37 -4.67 22.05
C THR A 163 4.28 -3.78 22.67
N VAL A 164 4.55 -2.48 22.82
CA VAL A 164 3.62 -1.55 23.48
C VAL A 164 2.36 -1.34 22.64
N PRO A 165 1.17 -1.74 23.16
CA PRO A 165 -0.08 -1.64 22.40
C PRO A 165 -0.43 -0.20 22.07
N PRO A 166 -0.87 0.08 20.83
CA PRO A 166 -1.35 1.45 20.63
C PRO A 166 -2.72 1.65 21.31
N PRO A 167 -3.14 2.90 21.55
CA PRO A 167 -4.46 3.13 22.15
C PRO A 167 -5.56 2.55 21.27
N SER A 168 -6.47 1.82 21.91
CA SER A 168 -7.62 1.28 21.24
C SER A 168 -8.59 2.36 20.76
N ILE A 169 -9.10 2.21 19.54
CA ILE A 169 -10.10 3.13 18.98
C ILE A 169 -11.36 2.31 18.64
N PRO A 170 -12.53 2.70 19.17
CA PRO A 170 -13.71 1.87 18.97
C PRO A 170 -14.03 1.68 17.50
N HIS A 171 -14.12 0.42 17.09
CA HIS A 171 -14.60 -0.01 15.75
C HIS A 171 -13.48 -0.06 14.72
N HIS A 172 -12.24 0.08 15.19
CA HIS A 172 -11.09 0.20 14.30
C HIS A 172 -10.00 -0.80 14.70
N ARG A 173 -9.16 -1.18 13.74
CA ARG A 173 -8.13 -2.18 14.01
C ARG A 173 -6.80 -1.54 13.63
N PRO A 174 -5.82 -1.53 14.56
CA PRO A 174 -4.47 -1.01 14.27
C PRO A 174 -3.79 -1.95 13.30
N THR A 175 -3.17 -1.37 12.28
CA THR A 175 -2.54 -2.15 11.23
CA THR A 175 -2.54 -2.14 11.21
C THR A 175 -1.25 -1.43 10.79
N ILE A 176 -0.26 -2.20 10.35
CA ILE A 176 1.01 -1.62 9.96
C ILE A 176 1.16 -1.67 8.45
N PHE A 177 1.48 -0.53 7.85
CA PHE A 177 1.76 -0.40 6.41
C PHE A 177 3.16 0.13 6.26
N GLY A 178 3.73 0.03 5.05
CA GLY A 178 5.06 0.61 4.83
C GLY A 178 4.98 2.07 4.42
N ARG A 179 6.13 2.73 4.35
CA ARG A 179 6.22 4.10 3.89
C ARG A 179 6.84 4.11 2.48
N SER A 180 6.46 5.06 1.63
CA SER A 180 7.05 5.13 0.24
C SER A 180 8.54 5.45 0.18
N GLY A 181 9.02 6.33 1.04
CA GLY A 181 10.44 6.68 1.06
C GLY A 181 11.35 5.47 1.21
N LEU A 182 11.10 4.65 2.24
CA LEU A 182 11.83 3.40 2.43
C LEU A 182 11.59 2.41 1.27
N ALA A 183 10.33 2.30 0.80
CA ALA A 183 10.02 1.51 -0.37
C ALA A 183 10.90 1.90 -1.57
N MET A 184 11.03 3.20 -1.86
CA MET A 184 11.98 3.63 -2.91
C MET A 184 13.43 3.18 -2.75
N GLN A 185 13.91 3.03 -1.52
CA GLN A 185 15.24 2.47 -1.25
C GLN A 185 15.25 0.95 -1.43
N GLY A 186 14.09 0.33 -1.62
CA GLY A 186 14.06 -1.10 -1.75
C GLY A 186 13.67 -1.86 -0.48
N ILE A 187 13.25 -1.15 0.56
CA ILE A 187 12.75 -1.84 1.77
C ILE A 187 11.21 -1.86 1.75
N LEU A 188 10.60 -3.03 1.64
CA LEU A 188 9.17 -3.17 1.75
C LEU A 188 8.75 -3.75 3.10
N VAL A 189 7.64 -3.25 3.64
CA VAL A 189 7.02 -3.77 4.83
C VAL A 189 5.82 -4.63 4.38
N LYS A 190 5.64 -5.83 4.93
CA LYS A 190 4.43 -6.57 4.61
C LYS A 190 3.29 -6.00 5.48
N PRO A 191 2.21 -5.50 4.85
CA PRO A 191 1.15 -5.01 5.74
C PRO A 191 0.61 -6.10 6.68
N CYS A 192 0.32 -5.73 7.93
CA CYS A 192 -0.18 -6.71 8.91
C CYS A 192 -0.95 -6.08 10.05
N ARG A 193 -1.79 -6.90 10.66
CA ARG A 193 -2.61 -6.49 11.78
C ARG A 193 -1.74 -6.41 13.02
N TRP A 194 -1.93 -5.37 13.81
CA TRP A 194 -1.21 -5.27 15.06
C TRP A 194 -2.15 -5.82 16.14
N ARG A 195 -2.03 -7.13 16.35
CA ARG A 195 -2.88 -7.80 17.32
C ARG A 195 -2.48 -7.58 18.74
N ARG A 196 -3.46 -7.75 19.62
CA ARG A 196 -3.39 -7.21 20.96
C ARG A 196 -2.10 -7.62 21.77
N GLY A 197 -1.55 -8.81 21.54
CA GLY A 197 -0.26 -9.16 22.18
C GLY A 197 1.05 -8.63 21.58
N GLY A 198 0.96 -7.74 20.57
CA GLY A 198 2.14 -7.22 19.87
C GLY A 198 2.29 -7.66 18.42
N VAL A 199 3.19 -7.02 17.68
CA VAL A 199 3.29 -7.30 16.24
C VAL A 199 4.73 -7.58 15.76
N ASP A 200 4.85 -8.46 14.76
CA ASP A 200 6.12 -8.74 14.11
C ASP A 200 6.12 -8.14 12.70
N VAL A 201 6.78 -7.00 12.57
CA VAL A 201 6.77 -6.27 11.33
C VAL A 201 7.90 -6.86 10.49
N SER A 202 7.51 -7.48 9.39
CA SER A 202 8.41 -8.09 8.44
C SER A 202 8.91 -7.05 7.41
N LEU A 203 10.23 -6.88 7.33
CA LEU A 203 10.84 -6.00 6.31
C LEU A 203 11.66 -6.87 5.36
N THR A 204 11.62 -6.55 4.06
CA THR A 204 12.46 -7.27 3.07
C THR A 204 13.30 -6.23 2.32
N ASN A 205 14.62 -6.46 2.25
CA ASN A 205 15.55 -5.60 1.50
C ASN A 205 15.73 -6.10 0.06
N PHE A 206 15.14 -5.37 -0.90
CA PHE A 206 15.13 -5.81 -2.28
C PHE A 206 16.30 -5.20 -3.04
N SER A 207 17.16 -4.45 -2.36
CA SER A 207 18.33 -3.80 -2.97
C SER A 207 19.65 -4.63 -2.93
N ASP A 208 20.66 -4.13 -3.63
CA ASP A 208 21.99 -4.75 -3.69
C ASP A 208 22.90 -4.27 -2.55
N GLN A 209 22.38 -3.43 -1.65
CA GLN A 209 23.14 -2.89 -0.52
C GLN A 209 22.71 -3.51 0.79
N THR A 210 23.63 -3.58 1.76
CA THR A 210 23.23 -3.82 3.13
C THR A 210 22.69 -2.50 3.67
N VAL A 211 21.45 -2.51 4.16
CA VAL A 211 20.84 -1.28 4.65
C VAL A 211 20.86 -1.28 6.19
N PHE A 212 21.38 -0.20 6.76
CA PHE A 212 21.46 -0.06 8.20
C PHE A 212 20.41 0.94 8.58
N LEU A 213 19.40 0.54 9.34
CA LEU A 213 18.41 1.48 9.83
C LEU A 213 18.68 1.78 11.31
N ASN A 214 18.92 3.04 11.62
CA ASN A 214 19.23 3.46 12.99
C ASN A 214 18.01 3.44 13.89
N LYS A 215 18.21 3.02 15.13
CA LYS A 215 17.22 3.18 16.19
C LYS A 215 16.56 4.57 16.04
N TYR A 216 15.23 4.59 16.20
CA TYR A 216 14.36 5.79 16.05
C TYR A 216 14.03 6.25 14.63
N ARG A 217 14.61 5.60 13.64
CA ARG A 217 14.20 5.84 12.27
C ARG A 217 12.72 5.43 12.15
N ARG A 218 11.93 6.30 11.53
CA ARG A 218 10.52 6.00 11.23
C ARG A 218 10.35 4.98 10.10
N PHE A 219 10.15 3.72 10.46
CA PHE A 219 10.33 2.62 9.53
C PHE A 219 9.02 2.02 8.96
N CYS A 220 7.86 2.52 9.42
CA CYS A 220 6.56 2.10 8.92
C CYS A 220 5.54 3.04 9.50
N GLN A 221 4.25 2.75 9.28
CA GLN A 221 3.19 3.61 9.75
C GLN A 221 2.00 2.81 10.31
N LEU A 222 1.37 3.35 11.35
CA LEU A 222 0.23 2.72 11.97
C LEU A 222 -1.01 3.37 11.41
N VAL A 223 -1.92 2.52 10.93
CA VAL A 223 -3.18 2.96 10.35
C VAL A 223 -4.28 2.25 11.11
N TYR A 224 -5.24 2.99 11.66
CA TYR A 224 -6.40 2.34 12.28
C TYR A 224 -7.47 2.13 11.21
N LEU A 225 -7.59 0.93 10.65
CA LEU A 225 -8.63 0.67 9.65
C LEU A 225 -9.94 0.35 10.32
N HIS A 226 -11.05 0.87 9.78
CA HIS A 226 -12.38 0.47 10.25
C HIS A 226 -12.50 -1.05 10.10
N LYS A 227 -13.05 -1.72 11.12
CA LYS A 227 -13.11 -3.20 11.18
C LYS A 227 -13.82 -3.85 9.96
N HIS A 228 -14.73 -3.14 9.31
CA HIS A 228 -15.37 -3.64 8.10
C HIS A 228 -14.39 -3.98 6.96
N HIS A 229 -13.20 -3.40 7.01
CA HIS A 229 -12.23 -3.57 5.90
C HIS A 229 -11.35 -4.77 6.01
N LEU A 230 -11.45 -5.46 7.13
CA LEU A 230 -10.72 -6.69 7.36
C LEU A 230 -11.71 -7.82 7.50
N THR A 231 -11.49 -8.90 6.76
CA THR A 231 -12.38 -10.04 6.85
C THR A 231 -11.60 -11.31 6.65
N SER A 232 -11.95 -12.33 7.42
CA SER A 232 -11.35 -13.64 7.23
C SER A 232 -12.06 -14.45 6.17
N PHE A 233 -13.13 -13.89 5.61
CA PHE A 233 -13.78 -14.60 4.55
CA PHE A 233 -14.00 -14.57 4.62
C PHE A 233 -14.01 -14.01 3.18
N TYR A 234 -14.15 -14.91 2.21
CA TYR A 234 -14.23 -14.56 0.82
C TYR A 234 -15.54 -13.88 0.60
N SER A 235 -15.50 -12.55 0.69
CA SER A 235 -16.68 -11.74 0.59
C SER A 235 -16.67 -11.00 -0.77
N PRO A 236 -17.82 -10.46 -1.20
CA PRO A 236 -17.82 -9.65 -2.41
C PRO A 236 -16.90 -8.42 -2.29
N HIS A 237 -16.28 -8.02 -3.39
CA HIS A 237 -15.54 -6.78 -3.46
C HIS A 237 -14.51 -6.73 -2.32
N SER A 238 -13.76 -7.83 -2.19
CA SER A 238 -12.62 -7.92 -1.31
C SER A 238 -11.49 -8.66 -2.04
N ASP A 239 -10.28 -8.56 -1.48
CA ASP A 239 -9.08 -9.09 -2.12
C ASP A 239 -8.07 -9.69 -1.14
N ALA A 240 -7.66 -10.92 -1.42
CA ALA A 240 -6.72 -11.65 -0.60
C ALA A 240 -5.29 -11.19 -0.76
N GLY A 241 -5.00 -10.39 -1.76
CA GLY A 241 -3.59 -10.06 -2.03
C GLY A 241 -2.90 -9.16 -1.01
N VAL A 242 -3.63 -8.22 -0.46
CA VAL A 242 -3.09 -7.01 0.15
C VAL A 242 -2.51 -7.11 1.58
N LEU A 243 -3.32 -7.59 2.51
CA LEU A 243 -3.00 -7.49 3.91
C LEU A 243 -2.43 -8.75 4.52
N GLY A 244 -2.10 -9.74 3.71
CA GLY A 244 -1.47 -10.93 4.26
C GLY A 244 -2.21 -12.19 3.88
N PRO A 245 -1.85 -13.32 4.52
CA PRO A 245 -2.43 -14.60 4.13
C PRO A 245 -3.71 -14.98 4.87
N ARG A 246 -3.97 -14.41 6.05
CA ARG A 246 -5.20 -14.71 6.79
C ARG A 246 -6.31 -13.66 6.74
N SER A 247 -6.12 -12.60 5.98
CA SER A 247 -7.20 -11.66 5.76
C SER A 247 -7.35 -11.25 4.32
N LEU A 248 -8.52 -10.72 4.02
CA LEU A 248 -8.77 -10.08 2.76
C LEU A 248 -9.10 -8.63 3.11
N PHE A 249 -8.80 -7.73 2.17
CA PHE A 249 -9.12 -6.34 2.31
C PHE A 249 -10.46 -6.07 1.61
N ARG A 250 -11.43 -5.55 2.35
CA ARG A 250 -12.76 -5.25 1.77
C ARG A 250 -12.93 -3.75 1.74
N TRP A 251 -12.96 -3.13 0.56
CA TRP A 251 -12.93 -1.68 0.47
C TRP A 251 -14.30 -1.04 0.68
N ALA A 252 -14.30 0.27 0.88
CA ALA A 252 -15.51 1.05 0.99
C ALA A 252 -16.17 1.07 -0.39
N SER A 253 -17.50 1.00 -0.41
CA SER A 253 -18.19 1.02 -1.70
C SER A 253 -18.46 2.47 -2.00
N CYS A 254 -17.60 3.06 -2.83
CA CYS A 254 -17.68 4.46 -3.21
C CYS A 254 -17.77 4.52 -4.69
N THR A 255 -18.13 5.68 -5.22
CA THR A 255 -18.18 5.81 -6.67
C THR A 255 -17.08 6.73 -7.15
N PHE A 256 -16.38 6.27 -8.17
CA PHE A 256 -15.37 7.08 -8.82
C PHE A 256 -16.05 8.01 -9.81
N GLU A 257 -15.62 9.25 -9.82
CA GLU A 257 -16.21 10.26 -10.67
C GLU A 257 -15.10 11.12 -11.24
N GLU A 258 -14.88 10.98 -12.55
CA GLU A 258 -13.83 11.69 -13.29
C GLU A 258 -13.97 13.19 -13.27
N VAL A 259 -12.97 13.85 -12.67
CA VAL A 259 -12.86 15.32 -12.62
C VAL A 259 -11.51 15.69 -13.23
N PRO A 260 -11.49 16.02 -14.55
CA PRO A 260 -10.21 16.20 -15.25
C PRO A 260 -9.39 17.36 -14.71
N SER A 261 -10.04 18.31 -14.04
CA SER A 261 -9.38 19.49 -13.51
C SER A 261 -8.40 19.13 -12.39
N LEU A 262 -8.57 17.95 -11.77
CA LEU A 262 -7.58 17.44 -10.80
C LEU A 262 -6.18 17.29 -11.35
N ALA A 263 -6.04 17.06 -12.66
CA ALA A 263 -4.71 16.92 -13.29
C ALA A 263 -3.93 18.26 -13.27
N MET A 264 -2.63 18.17 -13.50
CA MET A 264 -1.70 19.13 -12.87
C MET A 264 -0.23 18.70 -12.95
#